data_2BDX
#
_entry.id   2BDX
#
_cell.length_a   99.978
_cell.length_b   99.978
_cell.length_c   62.949
_cell.angle_alpha   90.00
_cell.angle_beta   90.00
_cell.angle_gamma   90.00
#
_symmetry.space_group_name_H-M   'P 42 21 2'
#
loop_
_entity.id
_entity.type
_entity.pdbx_description
1 polymer 'Serine/threonine protein phosphatase PP1-gamma catalytic subunit'
2 polymer DIHYDROMICROCYSTIN-LA
3 non-polymer 'MANGANESE (II) ION'
4 water water
#
loop_
_entity_poly.entity_id
_entity_poly.type
_entity_poly.pdbx_seq_one_letter_code
_entity_poly.pdbx_strand_id
1 'polypeptide(L)'
;MADLDKLNIDSIIQRLLEVRGSKPGKNVQLQENEIRGLCLKSREIFLSQPILLELEAPLKICGDIHGQYYDLLRLFEYGG
FPPESNYLFLGDYVDRGKQSLETICLLLAYKIKYPENFFLLRGNHECASINRIYGFYDECKRRYNIKLWKTFTDCFNCLP
IAAIVDEKIFCCHGGLSPDLQSMEQIRRIMRPTDVPDQGLLCDLLWSDPDKDVLGWGENDRGVSFTFGAEVVAKFLHKHD
LDLICRAHQVVEDGYEFFAKRQLVTLFSAPNYCGEFDNAGAMMSVDETLMCSFQILKPAEKKKPNATRPVTPPRGMITKQ
AKK
;
A
2 'polypeptide(L)' (DAL)L(ACB)A(1ZN)(FGA)(MAA) B
#
loop_
_chem_comp.id
_chem_comp.type
_chem_comp.name
_chem_comp.formula
1ZN peptide-like '(2S,3S,4E,6E,8S,9S)-3-amino-9-methoxy-2,6,8-trimethyl-10-phenyldeca-4,6-dienoic acid' 'C20 H29 N O3'
ACB D-beta-peptide, C-gamma linking '3-METHYL-BETA-D-ASPARTIC ACID' 'C5 H9 N O4'
FGA D-gamma-peptide, C-delta linking 'GAMMA-D-GLUTAMIC ACID' 'C5 H9 N O4'
MN non-polymer 'MANGANESE (II) ION' 'Mn 2'
#
# COMPACT_ATOMS: atom_id res chain seq x y z
N LYS A 6 -19.35 -3.31 20.43
CA LYS A 6 -18.51 -4.43 20.94
C LYS A 6 -17.05 -3.98 21.09
N LEU A 7 -16.45 -3.57 19.97
CA LEU A 7 -15.04 -3.19 19.91
C LEU A 7 -14.84 -1.70 20.12
N ASN A 8 -13.91 -1.33 20.99
CA ASN A 8 -13.65 0.08 21.25
C ASN A 8 -12.56 0.60 20.31
N ILE A 9 -13.00 1.13 19.18
CA ILE A 9 -12.14 1.73 18.15
C ILE A 9 -11.33 2.93 18.70
N ASP A 10 -12.02 3.82 19.40
CA ASP A 10 -11.42 5.04 19.93
C ASP A 10 -10.30 4.76 20.96
N SER A 11 -10.42 3.66 21.70
CA SER A 11 -9.42 3.28 22.70
C SER A 11 -8.24 2.51 22.10
N ILE A 12 -8.48 1.76 21.02
CA ILE A 12 -7.40 1.13 20.25
C ILE A 12 -6.49 2.21 19.65
N ILE A 13 -7.09 3.23 19.02
CA ILE A 13 -6.37 4.34 18.39
C ILE A 13 -5.58 5.18 19.40
N GLN A 14 -6.20 5.49 20.54
CA GLN A 14 -5.54 6.22 21.63
C GLN A 14 -4.29 5.48 22.09
N ARG A 15 -4.41 4.18 22.33
CA ARG A 15 -3.26 3.35 22.72
C ARG A 15 -2.19 3.23 21.62
N LEU A 16 -2.62 3.22 20.36
CA LEU A 16 -1.67 3.22 19.24
C LEU A 16 -0.93 4.55 19.11
N LEU A 17 -1.67 5.65 19.29
CA LEU A 17 -1.10 7.00 19.21
C LEU A 17 -0.40 7.45 20.48
N GLU A 18 -0.47 6.64 21.54
CA GLU A 18 0.09 6.98 22.86
C GLU A 18 1.61 7.05 22.82
N VAL A 19 2.20 6.23 21.95
CA VAL A 19 3.65 6.17 21.77
C VAL A 19 4.24 7.26 20.83
N ARG A 20 3.42 8.19 20.35
CA ARG A 20 3.89 9.41 19.68
C ARG A 20 4.90 10.11 20.59
N GLY A 21 6.13 10.29 20.11
CA GLY A 21 7.15 10.92 20.95
C GLY A 21 7.78 10.03 22.02
N SER A 22 7.66 8.72 21.86
CA SER A 22 8.45 7.76 22.65
C SER A 22 9.69 7.40 21.84
N LYS A 23 10.58 6.59 22.42
CA LYS A 23 11.74 6.04 21.70
C LYS A 23 11.25 5.11 20.59
N PRO A 24 11.67 5.37 19.33
CA PRO A 24 11.21 4.54 18.20
C PRO A 24 11.56 3.06 18.39
N GLY A 25 10.57 2.19 18.20
CA GLY A 25 10.71 0.76 18.49
C GLY A 25 9.89 0.30 19.68
N LYS A 26 9.37 1.27 20.45
CA LYS A 26 8.52 0.96 21.61
C LYS A 26 7.17 0.40 21.15
N ASN A 27 6.84 -0.79 21.65
CA ASN A 27 5.66 -1.56 21.27
C ASN A 27 4.36 -1.07 21.89
N VAL A 28 3.26 -1.29 21.17
CA VAL A 28 1.90 -1.21 21.71
C VAL A 28 1.36 -2.62 21.63
N GLN A 29 1.28 -3.27 22.79
CA GLN A 29 0.84 -4.66 22.87
C GLN A 29 -0.66 -4.71 23.16
N LEU A 30 -1.43 -4.61 22.07
CA LEU A 30 -2.90 -4.74 22.09
C LEU A 30 -3.28 -6.18 22.42
N GLN A 31 -4.52 -6.42 22.83
CA GLN A 31 -4.96 -7.79 23.07
C GLN A 31 -5.29 -8.43 21.73
N GLU A 32 -5.04 -9.74 21.64
CA GLU A 32 -5.24 -10.56 20.44
C GLU A 32 -6.66 -10.43 19.89
N ASN A 33 -7.63 -10.34 20.81
CA ASN A 33 -9.03 -10.23 20.42
C ASN A 33 -9.42 -8.83 19.90
N GLU A 34 -8.67 -7.80 20.32
CA GLU A 34 -8.79 -6.47 19.73
C GLU A 34 -8.28 -6.47 18.27
N ILE A 35 -7.14 -7.12 18.03
CA ILE A 35 -6.54 -7.28 16.69
C ILE A 35 -7.44 -8.08 15.74
N ARG A 36 -7.88 -9.25 16.21
CA ARG A 36 -8.91 -10.05 15.53
C ARG A 36 -10.18 -9.20 15.20
N GLY A 37 -10.67 -8.44 16.17
CA GLY A 37 -11.73 -7.44 15.94
C GLY A 37 -11.47 -6.44 14.80
N LEU A 38 -10.25 -5.86 14.76
CA LEU A 38 -9.84 -4.98 13.65
C LEU A 38 -9.86 -5.67 12.30
N CYS A 39 -9.31 -6.89 12.24
CA CYS A 39 -9.27 -7.69 11.02
C CYS A 39 -10.66 -8.04 10.46
N LEU A 40 -11.57 -8.48 11.34
CA LEU A 40 -12.89 -8.91 10.94
C LEU A 40 -13.82 -7.74 10.61
N LYS A 41 -13.70 -6.64 11.35
CA LYS A 41 -14.54 -5.48 11.07
C LYS A 41 -14.10 -4.75 9.78
N SER A 42 -12.79 -4.69 9.52
CA SER A 42 -12.31 -3.96 8.34
C SER A 42 -12.56 -4.76 7.07
N ARG A 43 -12.45 -6.08 7.17
CA ARG A 43 -12.77 -7.05 6.11
C ARG A 43 -14.20 -6.88 5.57
N GLU A 44 -15.17 -6.77 6.48
CA GLU A 44 -16.56 -6.45 6.14
C GLU A 44 -16.70 -5.10 5.40
N ILE A 45 -15.97 -4.08 5.88
CA ILE A 45 -15.88 -2.78 5.20
C ILE A 45 -15.23 -2.88 3.80
N PHE A 46 -14.14 -3.67 3.69
CA PHE A 46 -13.49 -3.91 2.40
C PHE A 46 -14.45 -4.56 1.41
N LEU A 47 -15.19 -5.58 1.87
CA LEU A 47 -16.12 -6.32 1.00
C LEU A 47 -17.34 -5.53 0.55
N SER A 48 -17.75 -4.55 1.36
CA SER A 48 -18.88 -3.66 1.05
C SER A 48 -18.51 -2.53 0.08
N GLN A 49 -17.21 -2.26 -0.07
CA GLN A 49 -16.73 -1.21 -0.96
C GLN A 49 -16.19 -1.87 -2.23
N PRO A 50 -16.20 -1.15 -3.38
CA PRO A 50 -15.76 -1.77 -4.64
C PRO A 50 -14.27 -2.17 -4.65
N ILE A 51 -13.93 -3.13 -5.49
CA ILE A 51 -12.56 -3.61 -5.63
C ILE A 51 -11.70 -2.59 -6.41
N LEU A 52 -12.35 -1.84 -7.30
CA LEU A 52 -11.77 -0.67 -7.94
C LEU A 52 -12.37 0.54 -7.25
N LEU A 53 -11.56 1.24 -6.48
CA LEU A 53 -12.03 2.41 -5.75
C LEU A 53 -12.13 3.59 -6.70
N GLU A 54 -13.19 4.38 -6.55
CA GLU A 54 -13.37 5.58 -7.35
C GLU A 54 -13.44 6.74 -6.37
N LEU A 55 -12.32 7.44 -6.26
CA LEU A 55 -12.06 8.38 -5.19
C LEU A 55 -12.00 9.78 -5.73
N GLU A 56 -12.12 10.75 -4.83
CA GLU A 56 -12.14 12.15 -5.19
C GLU A 56 -11.12 12.92 -4.37
N ALA A 57 -10.47 13.91 -4.98
CA ALA A 57 -9.58 14.83 -4.28
C ALA A 57 -10.37 15.79 -3.35
N PRO A 58 -9.71 16.38 -2.32
CA PRO A 58 -8.30 16.30 -1.88
C PRO A 58 -7.96 14.97 -1.17
N LEU A 59 -6.72 14.53 -1.30
CA LEU A 59 -6.31 13.17 -0.96
C LEU A 59 -4.79 13.13 -0.80
N LYS A 60 -4.33 12.47 0.26
CA LYS A 60 -2.90 12.13 0.38
C LYS A 60 -2.68 10.68 -0.03
N ILE A 61 -1.72 10.45 -0.92
CA ILE A 61 -1.36 9.12 -1.41
C ILE A 61 0.02 8.69 -0.89
N CYS A 62 0.06 7.57 -0.17
CA CYS A 62 1.32 7.05 0.36
C CYS A 62 1.68 5.69 -0.22
N GLY A 63 2.96 5.48 -0.46
CA GLY A 63 3.50 4.18 -0.90
C GLY A 63 3.91 3.29 0.28
N ASP A 64 4.84 2.36 0.07
CA ASP A 64 5.21 1.28 1.03
C ASP A 64 5.59 1.80 2.41
N ILE A 65 5.10 1.13 3.46
CA ILE A 65 5.43 1.48 4.86
C ILE A 65 6.37 0.43 5.44
N HIS A 66 6.10 -0.82 5.12
CA HIS A 66 6.87 -1.98 5.56
C HIS A 66 7.18 -1.98 7.07
N GLY A 67 6.16 -1.84 7.90
CA GLY A 67 6.29 -1.91 9.35
C GLY A 67 7.17 -0.90 10.05
N GLN A 68 7.46 0.22 9.38
CA GLN A 68 8.22 1.32 10.01
C GLN A 68 7.19 2.24 10.69
N TYR A 69 6.69 1.79 11.85
CA TYR A 69 5.55 2.43 12.53
C TYR A 69 5.74 3.90 12.93
N TYR A 70 6.95 4.22 13.40
CA TYR A 70 7.28 5.60 13.77
C TYR A 70 7.42 6.53 12.58
N ASP A 71 7.76 5.97 11.42
CA ASP A 71 7.71 6.70 10.15
C ASP A 71 6.29 6.94 9.63
N LEU A 72 5.40 6.00 9.90
CA LEU A 72 3.96 6.20 9.65
C LEU A 72 3.38 7.32 10.54
N LEU A 73 3.81 7.35 11.80
CA LEU A 73 3.39 8.41 12.71
C LEU A 73 3.91 9.78 12.24
N ARG A 74 5.15 9.82 11.76
CA ARG A 74 5.72 11.04 11.12
C ARG A 74 4.99 11.49 9.84
N LEU A 75 4.53 10.54 9.00
CA LEU A 75 3.72 10.86 7.83
C LEU A 75 2.41 11.55 8.22
N PHE A 76 1.75 10.99 9.23
CA PHE A 76 0.53 11.59 9.79
C PHE A 76 0.73 12.98 10.44
N GLU A 77 1.89 13.17 11.10
CA GLU A 77 2.31 14.47 11.64
C GLU A 77 2.35 15.54 10.55
N TYR A 78 2.99 15.20 9.42
CA TYR A 78 3.19 16.12 8.30
C TYR A 78 1.90 16.35 7.51
N GLY A 79 1.15 15.28 7.29
CA GLY A 79 -0.05 15.36 6.46
C GLY A 79 -1.34 15.67 7.17
N GLY A 80 -1.32 15.67 8.51
CA GLY A 80 -2.52 15.77 9.33
C GLY A 80 -3.11 14.41 9.62
N PHE A 81 -3.23 14.07 10.90
CA PHE A 81 -3.86 12.82 11.37
C PHE A 81 -5.33 12.78 11.00
N PRO A 82 -5.85 11.63 10.48
CA PRO A 82 -7.27 11.48 10.10
C PRO A 82 -8.24 11.94 11.20
N PRO A 83 -9.40 12.57 10.84
CA PRO A 83 -9.97 12.85 9.51
C PRO A 83 -9.57 14.21 8.90
N GLU A 84 -8.51 14.83 9.41
CA GLU A 84 -8.04 16.14 8.94
C GLU A 84 -7.61 16.10 7.46
N SER A 85 -7.12 14.94 7.02
CA SER A 85 -6.85 14.69 5.60
C SER A 85 -7.43 13.34 5.18
N ASN A 86 -7.78 13.24 3.91
CA ASN A 86 -8.11 11.96 3.31
C ASN A 86 -6.83 11.21 2.91
N TYR A 87 -6.87 9.88 3.02
CA TYR A 87 -5.68 9.07 2.70
C TYR A 87 -5.96 7.88 1.78
N LEU A 88 -5.04 7.65 0.85
CA LEU A 88 -4.98 6.44 0.07
C LEU A 88 -3.57 5.84 0.26
N PHE A 89 -3.52 4.62 0.78
CA PHE A 89 -2.25 3.89 0.91
C PHE A 89 -2.16 2.82 -0.19
N LEU A 90 -0.98 2.66 -0.76
CA LEU A 90 -0.81 1.80 -1.94
C LEU A 90 -0.33 0.39 -1.63
N GLY A 91 -0.33 0.01 -0.36
CA GLY A 91 -0.01 -1.39 0.00
C GLY A 91 1.34 -1.58 0.66
N ASP A 92 1.71 -2.83 0.90
CA ASP A 92 2.97 -3.16 1.59
C ASP A 92 3.12 -2.50 2.97
N TYR A 93 2.23 -2.89 3.87
CA TYR A 93 2.15 -2.37 5.23
C TYR A 93 3.09 -3.08 6.16
N VAL A 94 3.34 -4.34 5.82
CA VAL A 94 4.03 -5.27 6.69
C VAL A 94 5.33 -5.73 6.03
N ASP A 95 6.12 -6.49 6.81
CA ASP A 95 7.42 -7.08 6.45
C ASP A 95 8.52 -6.04 6.51
N ARG A 96 9.75 -6.53 6.67
CA ARG A 96 11.00 -5.76 6.64
C ARG A 96 11.22 -4.96 7.88
N GLY A 97 10.30 -4.07 8.21
CA GLY A 97 10.39 -3.22 9.40
C GLY A 97 10.06 -3.98 10.66
N LYS A 98 10.32 -3.33 11.79
CA LYS A 98 10.27 -4.04 13.08
C LYS A 98 8.90 -3.99 13.75
N GLN A 99 8.00 -3.12 13.28
CA GLN A 99 6.65 -2.98 13.86
C GLN A 99 5.49 -3.01 12.87
N SER A 100 5.44 -4.07 12.06
CA SER A 100 4.31 -4.39 11.17
C SER A 100 2.95 -4.46 11.85
N LEU A 101 2.91 -4.98 13.08
CA LEU A 101 1.68 -5.14 13.83
C LEU A 101 1.00 -3.86 14.23
N GLU A 102 1.72 -2.93 14.86
CA GLU A 102 1.20 -1.57 15.18
C GLU A 102 0.79 -0.79 13.93
N THR A 103 1.61 -0.93 12.87
CA THR A 103 1.35 -0.25 11.58
C THR A 103 0.01 -0.65 10.96
N ILE A 104 -0.18 -1.94 10.76
CA ILE A 104 -1.40 -2.45 10.17
C ILE A 104 -2.59 -2.26 11.12
N CYS A 105 -2.39 -2.42 12.43
CA CYS A 105 -3.49 -2.16 13.36
C CYS A 105 -3.95 -0.72 13.31
N LEU A 106 -3.02 0.23 13.22
CA LEU A 106 -3.38 1.64 13.12
C LEU A 106 -4.16 1.94 11.85
N LEU A 107 -3.64 1.47 10.72
CA LEU A 107 -4.33 1.67 9.44
C LEU A 107 -5.72 1.01 9.38
N LEU A 108 -5.82 -0.21 9.93
CA LEU A 108 -7.13 -0.89 9.98
C LEU A 108 -8.11 -0.17 10.92
N ALA A 109 -7.59 0.42 12.00
CA ALA A 109 -8.40 1.16 12.98
C ALA A 109 -8.97 2.46 12.37
N TYR A 110 -8.15 3.20 11.63
CA TYR A 110 -8.61 4.36 10.88
C TYR A 110 -9.56 4.03 9.74
N LYS A 111 -9.40 2.86 9.12
CA LYS A 111 -10.34 2.38 8.10
C LYS A 111 -11.73 2.08 8.68
N ILE A 112 -11.79 1.50 9.86
CA ILE A 112 -13.06 1.27 10.54
C ILE A 112 -13.69 2.61 10.98
N LYS A 113 -12.85 3.47 11.57
CA LYS A 113 -13.27 4.75 12.09
C LYS A 113 -13.75 5.67 10.97
N TYR A 114 -12.96 5.78 9.90
CA TYR A 114 -13.29 6.68 8.81
C TYR A 114 -13.34 5.96 7.47
N PRO A 115 -14.40 5.12 7.25
CA PRO A 115 -14.37 4.27 6.04
C PRO A 115 -14.55 4.94 4.68
N GLU A 116 -14.98 6.21 4.66
CA GLU A 116 -15.16 6.95 3.40
C GLU A 116 -14.07 8.00 3.21
N ASN A 117 -13.13 8.10 4.17
CA ASN A 117 -12.05 9.11 4.13
C ASN A 117 -10.64 8.53 4.24
N PHE A 118 -10.57 7.19 4.28
CA PHE A 118 -9.34 6.46 4.53
C PHE A 118 -9.41 5.19 3.72
N PHE A 119 -8.41 4.97 2.87
CA PHE A 119 -8.47 3.85 1.92
C PHE A 119 -7.10 3.15 1.83
N LEU A 120 -7.13 1.83 1.65
CA LEU A 120 -5.93 1.02 1.63
C LEU A 120 -5.99 0.06 0.47
N LEU A 121 -4.96 0.05 -0.36
CA LEU A 121 -4.86 -0.93 -1.43
C LEU A 121 -4.08 -2.17 -1.00
N ARG A 122 -4.23 -3.27 -1.76
CA ARG A 122 -3.42 -4.45 -1.56
C ARG A 122 -2.01 -4.26 -2.19
N GLY A 123 -0.96 -4.59 -1.44
CA GLY A 123 0.38 -4.74 -2.02
C GLY A 123 0.78 -6.21 -2.15
N ASN A 124 1.96 -6.48 -2.69
CA ASN A 124 2.43 -7.85 -2.80
C ASN A 124 2.84 -8.49 -1.47
N HIS A 125 3.06 -7.67 -0.45
CA HIS A 125 3.36 -8.17 0.88
C HIS A 125 2.10 -8.49 1.68
N GLU A 126 0.92 -8.16 1.12
CA GLU A 126 -0.36 -8.55 1.71
C GLU A 126 -0.85 -9.88 1.13
N CYS A 127 0.10 -10.80 0.97
CA CYS A 127 -0.07 -12.14 0.45
C CYS A 127 0.69 -13.05 1.43
N ALA A 128 0.01 -14.11 1.88
CA ALA A 128 0.53 -15.05 2.87
C ALA A 128 1.90 -15.62 2.53
N SER A 129 2.13 -15.93 1.26
CA SER A 129 3.36 -16.56 0.80
C SER A 129 4.59 -15.66 0.92
N ILE A 130 4.37 -14.35 0.75
CA ILE A 130 5.41 -13.34 0.86
C ILE A 130 5.65 -12.89 2.34
N ASN A 131 4.59 -12.60 3.06
CA ASN A 131 4.75 -12.13 4.44
C ASN A 131 5.11 -13.22 5.47
N ARG A 132 5.01 -14.48 5.04
CA ARG A 132 5.58 -15.61 5.75
C ARG A 132 7.11 -15.58 5.81
N ILE A 133 7.75 -15.17 4.73
CA ILE A 133 9.21 -15.18 4.61
C ILE A 133 9.80 -13.88 5.09
N TYR A 134 9.17 -12.75 4.76
CA TYR A 134 9.80 -11.44 4.83
C TYR A 134 9.58 -10.69 6.16
N GLY A 135 8.99 -11.35 7.16
CA GLY A 135 9.04 -10.82 8.52
C GLY A 135 7.76 -10.88 9.35
N PHE A 136 6.60 -10.84 8.69
CA PHE A 136 5.34 -10.64 9.40
C PHE A 136 4.88 -11.88 10.15
N TYR A 137 5.02 -13.05 9.53
CA TYR A 137 4.87 -14.33 10.26
C TYR A 137 5.72 -14.38 11.57
N ASP A 138 7.01 -14.03 11.46
CA ASP A 138 7.96 -14.02 12.58
C ASP A 138 7.56 -13.01 13.67
N GLU A 139 7.13 -11.81 13.26
CA GLU A 139 6.63 -10.82 14.22
C GLU A 139 5.39 -11.33 14.96
N CYS A 140 4.46 -11.93 14.22
CA CYS A 140 3.25 -12.54 14.82
C CYS A 140 3.58 -13.70 15.80
N LYS A 141 4.41 -14.65 15.39
CA LYS A 141 4.87 -15.75 16.26
C LYS A 141 5.53 -15.23 17.56
N ARG A 142 6.44 -14.28 17.43
CA ARG A 142 7.14 -13.62 18.55
C ARG A 142 6.20 -12.91 19.51
N ARG A 143 5.28 -12.11 18.99
CA ARG A 143 4.50 -11.21 19.84
C ARG A 143 3.12 -11.70 20.23
N TYR A 144 2.56 -12.61 19.43
CA TYR A 144 1.21 -13.18 19.63
C TYR A 144 1.31 -14.65 19.27
N ASN A 145 0.71 -15.04 18.14
CA ASN A 145 0.75 -16.42 17.65
C ASN A 145 0.50 -16.51 16.13
N ILE A 146 0.65 -17.75 15.61
CA ILE A 146 0.48 -18.07 14.17
C ILE A 146 -0.98 -17.97 13.74
N LYS A 147 -1.91 -18.34 14.63
CA LYS A 147 -3.35 -18.21 14.35
C LYS A 147 -3.78 -16.76 14.05
N LEU A 148 -3.13 -15.79 14.69
CA LEU A 148 -3.40 -14.38 14.43
C LEU A 148 -2.81 -13.95 13.08
N TRP A 149 -1.62 -14.45 12.74
CA TRP A 149 -1.06 -14.31 11.41
C TRP A 149 -2.01 -14.78 10.30
N LYS A 150 -2.68 -15.93 10.50
CA LYS A 150 -3.68 -16.48 9.56
C LYS A 150 -4.97 -15.66 9.52
N THR A 151 -5.33 -15.02 10.62
CA THR A 151 -6.48 -14.10 10.64
C THR A 151 -6.23 -12.84 9.78
N PHE A 152 -4.99 -12.36 9.78
CA PHE A 152 -4.59 -11.26 8.90
C PHE A 152 -4.64 -11.64 7.41
N THR A 153 -4.25 -12.89 7.10
CA THR A 153 -4.35 -13.47 5.75
C THR A 153 -5.76 -13.33 5.19
N ASP A 154 -6.76 -13.78 5.95
CA ASP A 154 -8.18 -13.62 5.58
C ASP A 154 -8.64 -12.16 5.41
N CYS A 155 -7.99 -11.24 6.13
CA CYS A 155 -8.26 -9.83 5.98
C CYS A 155 -7.60 -9.25 4.72
N PHE A 156 -6.30 -9.51 4.52
CA PHE A 156 -5.55 -9.08 3.32
C PHE A 156 -6.19 -9.57 1.99
N ASN A 157 -6.77 -10.78 1.98
CA ASN A 157 -7.49 -11.32 0.80
C ASN A 157 -8.72 -10.53 0.33
N CYS A 158 -9.14 -9.58 1.13
CA CYS A 158 -10.32 -8.77 0.83
C CYS A 158 -10.01 -7.35 0.46
N LEU A 159 -8.72 -6.98 0.52
CA LEU A 159 -8.28 -5.61 0.20
C LEU A 159 -8.59 -5.30 -1.26
N PRO A 160 -9.00 -4.05 -1.57
CA PRO A 160 -9.15 -3.61 -2.97
C PRO A 160 -7.79 -3.45 -3.63
N ILE A 161 -7.77 -3.42 -4.97
CA ILE A 161 -6.54 -3.63 -5.74
C ILE A 161 -6.08 -2.38 -6.49
N ALA A 162 -7.03 -1.51 -6.82
CA ALA A 162 -6.75 -0.33 -7.60
C ALA A 162 -7.71 0.80 -7.23
N ALA A 163 -7.31 2.02 -7.56
CA ALA A 163 -8.10 3.20 -7.29
C ALA A 163 -7.98 4.13 -8.51
N ILE A 164 -9.05 4.90 -8.79
CA ILE A 164 -9.03 5.97 -9.78
C ILE A 164 -9.47 7.23 -9.07
N VAL A 165 -8.61 8.24 -9.08
CA VAL A 165 -8.80 9.48 -8.35
C VAL A 165 -9.26 10.57 -9.33
N ASP A 166 -10.52 11.02 -9.15
CA ASP A 166 -11.20 12.06 -9.96
C ASP A 166 -11.08 11.83 -11.47
N GLU A 167 -11.29 10.58 -11.87
CA GLU A 167 -11.28 10.14 -13.27
C GLU A 167 -9.94 10.32 -14.00
N LYS A 168 -8.86 10.63 -13.27
CA LYS A 168 -7.56 11.05 -13.86
C LYS A 168 -6.29 10.33 -13.39
N ILE A 169 -6.22 9.94 -12.11
CA ILE A 169 -5.04 9.24 -11.59
C ILE A 169 -5.39 7.78 -11.31
N PHE A 170 -4.76 6.85 -12.02
CA PHE A 170 -4.92 5.41 -11.77
C PHE A 170 -3.88 4.94 -10.76
N CYS A 171 -4.35 4.43 -9.62
CA CYS A 171 -3.49 3.96 -8.55
C CYS A 171 -3.53 2.45 -8.38
N CYS A 172 -2.37 1.84 -8.19
CA CYS A 172 -2.24 0.43 -7.77
C CYS A 172 -0.85 0.23 -7.19
N HIS A 173 -0.59 -0.95 -6.64
CA HIS A 173 0.71 -1.21 -6.01
C HIS A 173 1.85 -1.39 -6.99
N GLY A 174 1.69 -2.35 -7.90
CA GLY A 174 2.78 -2.75 -8.81
C GLY A 174 2.72 -1.95 -10.09
N GLY A 175 1.85 -2.34 -11.00
CA GLY A 175 1.67 -1.62 -12.24
C GLY A 175 0.77 -2.33 -13.24
N LEU A 176 1.16 -2.28 -14.50
CA LEU A 176 0.27 -2.78 -15.56
C LEU A 176 0.39 -4.28 -15.90
N SER A 177 -0.55 -4.73 -16.73
CA SER A 177 -0.64 -6.12 -17.15
C SER A 177 -0.86 -6.19 -18.66
N PRO A 178 -0.19 -7.13 -19.36
CA PRO A 178 -0.54 -7.36 -20.76
C PRO A 178 -1.96 -7.94 -20.94
N ASP A 179 -2.59 -8.38 -19.85
CA ASP A 179 -3.97 -8.89 -19.85
C ASP A 179 -4.99 -7.76 -19.65
N LEU A 180 -4.54 -6.55 -19.31
CA LEU A 180 -5.48 -5.49 -18.90
C LEU A 180 -6.05 -4.67 -20.07
N GLN A 181 -7.31 -4.94 -20.40
CA GLN A 181 -7.97 -4.36 -21.57
C GLN A 181 -8.94 -3.26 -21.19
N SER A 182 -9.65 -3.42 -20.06
CA SER A 182 -10.53 -2.37 -19.54
C SER A 182 -10.66 -2.44 -18.02
N MET A 183 -11.24 -1.39 -17.43
CA MET A 183 -11.39 -1.27 -15.98
C MET A 183 -12.39 -2.27 -15.42
N GLU A 184 -13.35 -2.66 -16.25
CA GLU A 184 -14.33 -3.68 -15.92
C GLU A 184 -13.73 -5.04 -15.58
N GLN A 185 -12.62 -5.36 -16.23
CA GLN A 185 -11.82 -6.56 -15.95
C GLN A 185 -11.32 -6.65 -14.49
N ILE A 186 -10.90 -5.52 -13.94
CA ILE A 186 -10.53 -5.38 -12.53
C ILE A 186 -11.75 -5.58 -11.64
N ARG A 187 -12.87 -4.99 -12.04
CA ARG A 187 -14.12 -4.94 -11.25
C ARG A 187 -14.79 -6.26 -10.87
N ARG A 188 -14.67 -7.33 -11.65
CA ARG A 188 -15.16 -8.60 -11.11
C ARG A 188 -14.08 -9.70 -10.98
N ILE A 189 -12.90 -9.26 -10.52
CA ILE A 189 -12.02 -10.11 -9.74
C ILE A 189 -12.83 -10.35 -8.45
N MET A 190 -12.99 -11.62 -8.06
CA MET A 190 -13.85 -11.98 -6.92
C MET A 190 -13.08 -11.97 -5.61
N ARG A 191 -13.70 -11.48 -4.54
CA ARG A 191 -13.07 -11.50 -3.19
C ARG A 191 -13.88 -12.32 -2.15
N PRO A 192 -13.21 -13.01 -1.19
CA PRO A 192 -11.76 -13.11 -0.93
C PRO A 192 -10.98 -13.87 -2.00
N THR A 193 -9.76 -13.42 -2.22
CA THR A 193 -8.83 -14.11 -3.09
C THR A 193 -7.39 -14.02 -2.58
N ASP A 194 -6.70 -15.16 -2.61
CA ASP A 194 -5.25 -15.18 -2.56
C ASP A 194 -4.77 -14.79 -3.98
N VAL A 195 -3.48 -14.90 -4.27
CA VAL A 195 -3.09 -14.71 -5.68
C VAL A 195 -2.52 -16.02 -6.24
N PRO A 196 -3.40 -17.00 -6.56
CA PRO A 196 -2.92 -18.37 -6.77
C PRO A 196 -2.26 -18.61 -8.12
N ASP A 197 -2.50 -17.72 -9.09
CA ASP A 197 -1.86 -17.83 -10.40
C ASP A 197 -1.36 -16.48 -10.89
N GLN A 198 -0.36 -16.54 -11.77
CA GLN A 198 -0.01 -15.46 -12.69
C GLN A 198 -1.26 -14.89 -13.39
N GLY A 199 -1.14 -13.67 -13.91
CA GLY A 199 -2.25 -13.01 -14.57
C GLY A 199 -2.46 -11.61 -14.03
N LEU A 200 -3.65 -11.07 -14.28
CA LEU A 200 -3.98 -9.66 -14.06
C LEU A 200 -3.70 -9.15 -12.65
N LEU A 201 -4.28 -9.81 -11.66
CA LEU A 201 -4.17 -9.44 -10.26
C LEU A 201 -2.72 -9.55 -9.76
N CYS A 202 -2.05 -10.65 -10.11
CA CYS A 202 -0.61 -10.83 -9.90
C CYS A 202 0.21 -9.67 -10.48
N ASP A 203 -0.07 -9.25 -11.72
CA ASP A 203 0.63 -8.14 -12.35
C ASP A 203 0.38 -6.79 -11.71
N LEU A 204 -0.87 -6.50 -11.31
CA LEU A 204 -1.18 -5.28 -10.57
C LEU A 204 -0.44 -5.12 -9.22
N LEU A 205 -0.05 -6.24 -8.62
CA LEU A 205 0.67 -6.24 -7.35
C LEU A 205 2.21 -6.25 -7.52
N TRP A 206 2.69 -6.61 -8.71
CA TRP A 206 4.08 -7.04 -8.88
C TRP A 206 4.87 -6.38 -10.00
N SER A 207 4.20 -5.90 -11.03
CA SER A 207 4.92 -5.45 -12.23
C SER A 207 5.68 -4.13 -12.02
N ASP A 208 6.68 -3.85 -12.86
CA ASP A 208 7.56 -2.68 -12.67
C ASP A 208 7.73 -1.90 -13.98
N PRO A 209 7.85 -0.56 -13.92
CA PRO A 209 8.31 0.16 -15.09
C PRO A 209 9.78 -0.14 -15.39
N ASP A 210 10.14 -0.02 -16.67
CA ASP A 210 11.54 -0.15 -17.09
C ASP A 210 11.78 0.78 -18.26
N LYS A 211 12.81 1.61 -18.11
CA LYS A 211 13.27 2.57 -19.16
C LYS A 211 13.87 1.89 -20.39
N ASP A 212 14.37 0.66 -20.23
CA ASP A 212 15.10 -0.07 -21.30
C ASP A 212 14.28 -1.17 -21.98
N VAL A 213 12.98 -1.18 -21.73
CA VAL A 213 12.02 -1.98 -22.49
C VAL A 213 11.05 -0.92 -23.00
N LEU A 214 10.58 -1.03 -24.23
CA LEU A 214 9.50 -0.11 -24.64
C LEU A 214 8.12 -0.74 -24.60
N GLY A 215 8.09 -2.06 -24.80
CA GLY A 215 6.87 -2.84 -24.68
C GLY A 215 6.80 -3.58 -23.36
N TRP A 216 6.73 -4.90 -23.44
CA TRP A 216 6.71 -5.77 -22.29
C TRP A 216 8.02 -6.51 -22.17
N GLY A 217 8.53 -6.62 -20.94
CA GLY A 217 9.77 -7.29 -20.71
C GLY A 217 9.74 -8.21 -19.52
N GLU A 218 10.86 -8.86 -19.30
CA GLU A 218 11.03 -9.82 -18.23
C GLU A 218 11.31 -9.11 -16.89
N ASN A 219 10.72 -9.61 -15.81
CA ASN A 219 10.92 -9.06 -14.48
C ASN A 219 11.93 -9.84 -13.63
N ASP A 220 12.96 -9.12 -13.16
CA ASP A 220 14.03 -9.67 -12.30
C ASP A 220 13.57 -10.25 -10.94
N ARG A 221 12.38 -9.86 -10.48
CA ARG A 221 11.78 -10.44 -9.26
C ARG A 221 11.39 -11.92 -9.38
N GLY A 222 11.32 -12.44 -10.61
CA GLY A 222 10.99 -13.85 -10.84
C GLY A 222 9.51 -14.07 -11.07
N VAL A 223 8.77 -12.98 -11.19
CA VAL A 223 7.33 -12.99 -11.30
C VAL A 223 6.87 -11.75 -12.08
N SER A 224 5.83 -11.93 -12.90
CA SER A 224 5.17 -10.83 -13.60
C SER A 224 6.10 -10.20 -14.67
N PHE A 225 5.94 -8.92 -14.97
CA PHE A 225 6.58 -8.30 -16.11
C PHE A 225 7.14 -6.92 -15.80
N THR A 226 7.95 -6.42 -16.72
CA THR A 226 8.20 -5.00 -16.84
C THR A 226 7.47 -4.38 -18.02
N PHE A 227 7.23 -3.07 -17.91
CA PHE A 227 6.53 -2.36 -18.96
C PHE A 227 7.25 -1.06 -19.25
N GLY A 228 7.20 -0.60 -20.51
CA GLY A 228 7.89 0.59 -20.89
C GLY A 228 6.96 1.77 -21.03
N ALA A 229 7.51 2.86 -21.55
CA ALA A 229 6.78 4.11 -21.71
C ALA A 229 5.59 4.07 -22.67
N GLU A 230 5.68 3.23 -23.69
CA GLU A 230 4.64 3.12 -24.71
C GLU A 230 3.39 2.46 -24.15
N VAL A 231 3.60 1.40 -23.35
CA VAL A 231 2.56 0.71 -22.58
C VAL A 231 1.76 1.69 -21.73
N VAL A 232 2.45 2.51 -20.93
CA VAL A 232 1.82 3.51 -20.09
C VAL A 232 1.02 4.49 -20.95
N ALA A 233 1.62 4.98 -22.04
CA ALA A 233 1.00 5.96 -22.95
C ALA A 233 -0.30 5.44 -23.56
N LYS A 234 -0.23 4.22 -24.06
CA LYS A 234 -1.40 3.52 -24.61
C LYS A 234 -2.52 3.35 -23.60
N PHE A 235 -2.16 3.00 -22.37
CA PHE A 235 -3.14 2.71 -21.31
C PHE A 235 -3.85 3.96 -20.87
N LEU A 236 -3.10 5.04 -20.68
CA LEU A 236 -3.65 6.31 -20.20
C LEU A 236 -4.60 6.88 -21.24
N HIS A 237 -4.20 6.81 -22.51
CA HIS A 237 -5.05 7.33 -23.57
C HIS A 237 -6.32 6.52 -23.86
N LYS A 238 -6.22 5.20 -23.79
CA LYS A 238 -7.39 4.33 -23.87
C LYS A 238 -8.46 4.62 -22.80
N HIS A 239 -8.03 4.90 -21.56
CA HIS A 239 -8.95 5.08 -20.43
C HIS A 239 -9.12 6.52 -20.00
N ASP A 240 -8.58 7.43 -20.81
CA ASP A 240 -8.69 8.89 -20.59
C ASP A 240 -8.18 9.32 -19.21
N LEU A 241 -6.92 8.95 -18.93
CA LEU A 241 -6.26 9.23 -17.66
C LEU A 241 -5.01 10.05 -17.89
N ASP A 242 -4.55 10.73 -16.84
CA ASP A 242 -3.38 11.59 -16.86
C ASP A 242 -2.11 10.97 -16.25
N LEU A 243 -2.30 10.07 -15.28
CA LEU A 243 -1.17 9.60 -14.44
C LEU A 243 -1.46 8.22 -13.88
N ILE A 244 -0.40 7.40 -13.83
CA ILE A 244 -0.38 6.20 -13.01
C ILE A 244 0.37 6.56 -11.74
N CYS A 245 -0.29 6.38 -10.59
CA CYS A 245 0.38 6.43 -9.29
C CYS A 245 0.60 5.02 -8.74
N ARG A 246 1.86 4.64 -8.54
CA ARG A 246 2.16 3.33 -8.01
C ARG A 246 3.24 3.38 -6.94
N ALA A 247 3.61 2.21 -6.41
CA ALA A 247 4.54 2.15 -5.30
C ALA A 247 5.60 1.07 -5.55
N HIS A 248 5.81 0.16 -4.58
CA HIS A 248 6.44 -1.16 -4.85
C HIS A 248 7.98 -1.14 -4.96
N GLN A 249 8.55 -0.02 -5.41
CA GLN A 249 10.00 0.08 -5.64
C GLN A 249 10.63 1.14 -4.74
N VAL A 250 11.75 0.77 -4.14
CA VAL A 250 12.57 1.60 -3.29
C VAL A 250 13.21 2.70 -4.15
N VAL A 251 12.91 3.95 -3.87
CA VAL A 251 13.50 5.07 -4.59
C VAL A 251 14.15 6.09 -3.64
N GLU A 252 15.35 6.52 -4.06
CA GLU A 252 16.23 7.45 -3.36
C GLU A 252 15.55 8.73 -2.85
N ASP A 253 14.74 9.38 -3.68
CA ASP A 253 14.08 10.64 -3.33
C ASP A 253 12.72 10.44 -2.66
N GLY A 254 12.30 9.18 -2.49
CA GLY A 254 10.95 8.90 -1.97
C GLY A 254 9.88 8.90 -3.03
N TYR A 255 10.13 9.62 -4.12
CA TYR A 255 9.28 9.60 -5.31
C TYR A 255 10.18 9.66 -6.55
N GLU A 256 9.74 9.05 -7.64
CA GLU A 256 10.48 9.03 -8.89
C GLU A 256 9.53 8.89 -10.09
N PHE A 257 9.75 9.73 -11.10
CA PHE A 257 8.95 9.73 -12.32
C PHE A 257 9.51 8.77 -13.33
N PHE A 258 8.62 8.13 -14.08
CA PHE A 258 8.98 7.17 -15.12
C PHE A 258 8.12 7.47 -16.32
N ALA A 259 8.53 6.95 -17.48
CA ALA A 259 7.73 7.00 -18.72
C ALA A 259 7.30 8.43 -19.11
N LYS A 260 8.25 9.37 -19.08
CA LYS A 260 8.00 10.76 -19.52
C LYS A 260 6.99 11.47 -18.63
N ARG A 261 7.15 11.23 -17.32
CA ARG A 261 6.31 11.75 -16.22
C ARG A 261 4.83 11.37 -16.30
N GLN A 262 4.56 10.22 -16.92
CA GLN A 262 3.21 9.67 -16.99
C GLN A 262 2.96 8.66 -15.87
N LEU A 263 4.03 8.32 -15.17
CA LEU A 263 3.98 7.45 -14.01
C LEU A 263 4.83 8.05 -12.88
N VAL A 264 4.32 7.93 -11.65
CA VAL A 264 5.15 8.20 -10.50
C VAL A 264 5.15 7.01 -9.50
N THR A 265 6.34 6.69 -9.00
CA THR A 265 6.55 5.70 -7.93
C THR A 265 6.65 6.44 -6.62
N LEU A 266 5.91 5.95 -5.62
CA LEU A 266 5.97 6.46 -4.24
C LEU A 266 6.50 5.42 -3.29
N PHE A 267 7.41 5.82 -2.42
CA PHE A 267 7.93 4.95 -1.37
C PHE A 267 7.91 5.83 -0.11
N SER A 268 7.11 5.45 0.88
CA SER A 268 6.88 6.23 2.08
C SER A 268 7.66 5.77 3.31
N ALA A 269 8.60 4.83 3.15
CA ALA A 269 9.46 4.36 4.24
C ALA A 269 10.93 4.83 4.12
N PRO A 270 11.30 5.90 4.88
CA PRO A 270 12.67 6.45 4.86
C PRO A 270 13.66 5.45 5.44
N ASN A 271 14.88 5.47 4.92
CA ASN A 271 15.99 4.62 5.43
C ASN A 271 15.62 3.12 5.54
N TYR A 272 15.04 2.63 4.43
CA TYR A 272 14.51 1.28 4.31
C TYR A 272 15.43 0.18 4.83
N CYS A 273 14.88 -0.66 5.70
CA CYS A 273 15.59 -1.77 6.38
C CYS A 273 16.70 -1.38 7.37
N GLY A 274 16.87 -0.07 7.59
CA GLY A 274 18.02 0.48 8.29
C GLY A 274 19.22 0.67 7.38
N GLU A 275 19.12 0.22 6.12
CA GLU A 275 20.31 0.00 5.26
C GLU A 275 20.45 0.88 4.02
N PHE A 276 19.35 1.20 3.34
CA PHE A 276 19.36 2.15 2.23
C PHE A 276 19.22 3.55 2.83
N ASP A 277 19.69 4.60 2.16
CA ASP A 277 19.63 5.97 2.73
C ASP A 277 18.54 6.83 2.10
N ASN A 278 17.51 6.18 1.55
CA ASN A 278 16.41 6.83 0.84
C ASN A 278 15.52 7.68 1.72
N ALA A 279 14.92 8.69 1.11
CA ALA A 279 13.87 9.45 1.74
C ALA A 279 12.51 8.77 1.49
N GLY A 280 11.49 9.25 2.19
CA GLY A 280 10.12 8.81 2.02
C GLY A 280 9.34 9.92 1.36
N ALA A 281 8.25 9.58 0.65
CA ALA A 281 7.40 10.62 0.09
C ALA A 281 5.93 10.27 0.09
N MET A 282 5.12 11.32 0.17
CA MET A 282 3.69 11.23 0.16
C MET A 282 3.26 12.21 -0.94
N MET A 283 2.25 11.85 -1.71
CA MET A 283 1.73 12.74 -2.72
C MET A 283 0.41 13.37 -2.29
N SER A 284 0.42 14.70 -2.19
CA SER A 284 -0.78 15.46 -1.93
C SER A 284 -1.39 15.86 -3.26
N VAL A 285 -2.63 15.43 -3.51
CA VAL A 285 -3.40 15.88 -4.67
C VAL A 285 -4.43 16.84 -4.10
N ASP A 286 -4.32 18.13 -4.44
CA ASP A 286 -5.32 19.08 -3.92
C ASP A 286 -6.64 19.11 -4.73
N GLU A 287 -7.55 19.97 -4.30
CA GLU A 287 -8.95 19.97 -4.75
C GLU A 287 -9.14 20.37 -6.23
N THR A 288 -8.08 20.94 -6.82
CA THR A 288 -8.05 21.35 -8.23
C THR A 288 -7.13 20.43 -9.06
N LEU A 289 -6.93 19.21 -8.55
CA LEU A 289 -6.11 18.15 -9.20
C LEU A 289 -4.63 18.54 -9.43
N MET A 290 -4.10 19.34 -8.51
CA MET A 290 -2.71 19.72 -8.51
C MET A 290 -1.96 18.84 -7.51
N CYS A 291 -0.82 18.31 -7.94
CA CYS A 291 -0.01 17.42 -7.12
C CYS A 291 1.21 18.09 -6.53
N SER A 292 1.50 17.74 -5.29
CA SER A 292 2.74 18.13 -4.63
C SER A 292 3.27 16.98 -3.81
N PHE A 293 4.57 17.02 -3.54
CA PHE A 293 5.22 15.97 -2.80
C PHE A 293 5.80 16.48 -1.49
N GLN A 294 5.48 15.76 -0.42
CA GLN A 294 6.00 16.02 0.90
C GLN A 294 7.06 14.96 1.16
N ILE A 295 8.25 15.40 1.53
CA ILE A 295 9.38 14.53 1.68
C ILE A 295 9.62 14.27 3.17
N LEU A 296 9.97 13.03 3.50
CA LEU A 296 10.30 12.64 4.87
C LEU A 296 11.72 12.13 4.88
N LYS A 297 12.58 12.83 5.64
CA LYS A 297 14.03 12.64 5.62
C LYS A 297 14.51 11.33 6.28
N PRO A 298 15.54 10.68 5.68
CA PRO A 298 16.15 9.45 6.23
C PRO A 298 16.76 9.61 7.63
N DAL B 1 18.98 -4.51 -3.47
CA DAL B 1 19.88 -5.66 -3.23
CB DAL B 1 19.71 -6.67 -4.37
C DAL B 1 19.71 -6.36 -1.86
O DAL B 1 20.57 -7.16 -1.49
N LEU B 2 18.61 -6.08 -1.14
CA LEU B 2 18.32 -6.67 0.18
C LEU B 2 17.76 -8.12 0.07
C ACB B 3 15.27 -10.01 -1.33
O ACB B 3 14.74 -11.13 -1.56
OXT ACB B 3 14.64 -8.97 -1.03
CA ACB B 3 16.82 -9.90 -1.42
N ACB B 3 17.35 -8.54 -1.13
CB ACB B 3 17.27 -10.32 -2.83
CG ACB B 3 16.55 -9.45 -3.87
OD1 ACB B 3 16.63 -8.22 -3.84
C4 ACB B 3 18.80 -10.26 -3.03
N ALA B 4 15.82 -10.13 -4.76
CA ALA B 4 15.06 -9.42 -5.81
C ALA B 4 13.57 -9.35 -5.43
C1 1ZN B 5 6.32 -17.89 -7.04
O1 1ZN B 5 7.03 -17.19 -5.94
C2 1ZN B 5 7.39 -15.79 -6.21
C3 1ZN B 5 6.60 -14.96 -5.19
C4 1ZN B 5 5.08 -14.90 -5.48
C5 1ZN B 5 4.17 -15.15 -4.43
C6 1ZN B 5 2.79 -15.10 -4.64
C7 1ZN B 5 2.30 -14.79 -5.92
C8 1ZN B 5 3.20 -14.54 -6.97
C9 1ZN B 5 4.59 -14.59 -6.74
C10 1ZN B 5 8.94 -15.66 -6.13
C11 1ZN B 5 9.58 -16.21 -7.42
C12 1ZN B 5 9.49 -14.22 -6.01
C13 1ZN B 5 10.13 -13.66 -4.89
C14 1ZN B 5 10.31 -14.41 -3.55
C15 1ZN B 5 10.58 -12.34 -5.02
C16 1ZN B 5 11.21 -11.68 -3.97
CA 1ZN B 5 11.69 -10.24 -4.12
N 1ZN B 5 13.12 -10.22 -4.52
C18 1ZN B 5 11.42 -9.43 -2.83
C19 1ZN B 5 10.02 -9.68 -2.24
C 1ZN B 5 11.53 -7.93 -3.14
O 1ZN B 5 10.61 -7.37 -3.74
N FGA B 6 12.63 -7.32 -2.71
CA FGA B 6 12.88 -6.02 -2.82
C FGA B 6 11.97 -5.05 -2.01
O FGA B 6 11.36 -4.15 -2.64
CB FGA B 6 14.36 -5.64 -3.03
CG FGA B 6 14.60 -4.17 -3.39
CD FGA B 6 15.95 -3.64 -2.87
OE1 FGA B 6 16.31 -3.98 -1.74
OXT FGA B 6 11.90 -5.20 -0.76
N MAA B 7 16.67 -2.83 -3.69
CM MAA B 7 16.08 -2.53 -5.02
CA MAA B 7 17.99 -2.26 -3.31
CB MAA B 7 17.81 -1.13 -2.27
C MAA B 7 19.05 -3.32 -2.85
O MAA B 7 19.87 -3.06 -1.98
MN MN C . 5.63 -4.22 -3.26
MN MN D . 7.52 -3.03 -0.90
#